data_7A48
#
_entry.id   7A48
#
_cell.length_a   94.580
_cell.length_b   26.070
_cell.length_c   54.250
_cell.angle_alpha   90.000
_cell.angle_beta   108.920
_cell.angle_gamma   90.000
#
_symmetry.space_group_name_H-M   'C 1 2 1'
#
loop_
_entity.id
_entity.type
_entity.pdbx_description
1 polymer 'Nanobody 49'
2 polymer 'APH colied-coil'
3 water water
#
loop_
_entity_poly.entity_id
_entity_poly.type
_entity_poly.pdbx_seq_one_letter_code
_entity_poly.pdbx_strand_id
1 'polypeptide(L)'
;QVQLQESGGGLVQPGGSLRLSCIASGRTFNPYGMGWFRQVPGKERTFVSGITWIGGTTYYVNSVKGRFTISRDRAKNTVY
LQMNSLKPEDTAVYYCAADKDNTGYNYWGQGTQVTVSSFGYPYDVPDYGSGRA
;
A
2 'polypeptide(L)' (ACE)LEEELKQLEEELQAIEEQLAQLQWKAQARKEKLAQLKEKL(NH2) B
#
# COMPACT_ATOMS: atom_id res chain seq x y z
N GLN A 1 16.29 -4.95 10.87
CA GLN A 1 17.60 -4.79 10.25
C GLN A 1 17.48 -4.31 8.80
N VAL A 2 16.25 -3.99 8.40
CA VAL A 2 15.94 -3.52 7.06
C VAL A 2 15.27 -2.16 7.17
N GLN A 3 15.71 -1.21 6.35
CA GLN A 3 15.19 0.14 6.34
C GLN A 3 14.39 0.39 5.07
N LEU A 4 13.23 1.03 5.22
N LEU A 4 13.26 1.07 5.21
CA LEU A 4 12.39 1.41 4.11
CA LEU A 4 12.36 1.39 4.09
C LEU A 4 12.43 2.92 3.95
C LEU A 4 12.27 2.90 3.93
N GLN A 5 12.51 3.38 2.71
CA GLN A 5 12.61 4.81 2.42
C GLN A 5 11.72 5.16 1.23
N GLU A 6 10.70 5.99 1.47
CA GLU A 6 9.74 6.40 0.45
C GLU A 6 10.23 7.63 -0.31
N SER A 7 9.55 7.89 -1.43
CA SER A 7 9.71 9.14 -2.16
C SER A 7 8.51 9.31 -3.06
N GLY A 8 8.31 10.55 -3.54
CA GLY A 8 7.32 10.81 -4.57
C GLY A 8 6.10 11.59 -4.15
N GLY A 9 5.98 11.99 -2.90
CA GLY A 9 4.82 12.74 -2.45
C GLY A 9 4.86 14.19 -2.94
N GLY A 10 3.80 14.91 -2.63
CA GLY A 10 3.73 16.30 -3.03
C GLY A 10 2.30 16.82 -2.95
N LEU A 11 2.06 17.90 -3.69
CA LEU A 11 0.78 18.62 -3.68
C LEU A 11 0.30 18.75 -5.11
N VAL A 12 -0.89 18.21 -5.39
CA VAL A 12 -1.45 18.25 -6.73
C VAL A 12 -2.87 18.82 -6.65
N GLN A 13 -3.35 19.28 -7.80
CA GLN A 13 -4.75 19.64 -7.96
C GLN A 13 -5.57 18.37 -8.15
N PRO A 14 -6.87 18.43 -7.89
CA PRO A 14 -7.74 17.28 -8.20
C PRO A 14 -7.62 16.91 -9.67
N GLY A 15 -7.53 15.61 -9.94
CA GLY A 15 -7.28 15.11 -11.27
C GLY A 15 -5.84 14.81 -11.58
N GLY A 16 -4.90 15.27 -10.73
CA GLY A 16 -3.49 15.09 -10.98
C GLY A 16 -3.00 13.69 -10.63
N SER A 17 -1.69 13.51 -10.77
CA SER A 17 -1.07 12.21 -10.54
C SER A 17 0.24 12.37 -9.78
N LEU A 18 0.59 11.32 -9.06
CA LEU A 18 1.87 11.20 -8.36
C LEU A 18 2.35 9.76 -8.45
N ARG A 19 3.67 9.57 -8.44
CA ARG A 19 4.24 8.23 -8.38
C ARG A 19 5.07 8.11 -7.12
N LEU A 20 4.66 7.23 -6.22
CA LEU A 20 5.40 6.95 -5.01
C LEU A 20 6.35 5.79 -5.25
N SER A 21 7.53 5.87 -4.65
N SER A 21 7.54 5.84 -4.63
CA SER A 21 8.49 4.78 -4.68
CA SER A 21 8.53 4.77 -4.74
C SER A 21 8.88 4.42 -3.24
C SER A 21 9.12 4.51 -3.36
N CYS A 22 9.42 3.23 -3.09
CA CYS A 22 9.94 2.83 -1.80
C CYS A 22 11.02 1.79 -2.01
N ILE A 23 12.20 2.03 -1.45
CA ILE A 23 13.35 1.13 -1.59
C ILE A 23 13.66 0.53 -0.21
N ALA A 24 13.87 -0.77 -0.18
CA ALA A 24 14.30 -1.47 1.03
C ALA A 24 15.80 -1.76 0.94
N SER A 25 16.51 -1.51 2.03
CA SER A 25 17.94 -1.81 2.07
C SER A 25 18.31 -2.35 3.45
N GLY A 26 19.56 -2.80 3.56
CA GLY A 26 20.08 -3.34 4.81
C GLY A 26 20.41 -4.82 4.67
N ARG A 27 20.18 -5.56 5.75
CA ARG A 27 20.34 -7.01 5.72
C ARG A 27 19.53 -7.61 4.58
N THR A 28 19.99 -8.75 4.07
CA THR A 28 19.33 -9.36 2.92
C THR A 28 17.87 -9.65 3.26
N PHE A 29 17.00 -9.34 2.30
CA PHE A 29 15.59 -9.09 2.56
C PHE A 29 14.81 -9.80 1.46
N ASN A 30 13.93 -10.72 1.86
N ASN A 30 13.88 -10.66 1.86
CA ASN A 30 13.01 -11.38 0.92
CA ASN A 30 13.02 -11.39 0.94
C ASN A 30 11.65 -11.48 1.59
C ASN A 30 11.64 -11.49 1.57
N PRO A 31 10.84 -10.44 1.48
CA PRO A 31 9.55 -10.39 2.19
C PRO A 31 8.51 -11.26 1.50
N TYR A 32 7.38 -11.46 2.20
CA TYR A 32 6.24 -12.06 1.54
C TYR A 32 5.63 -11.10 0.52
N GLY A 33 5.62 -9.80 0.82
CA GLY A 33 5.03 -8.81 -0.04
C GLY A 33 5.36 -7.42 0.47
N MET A 34 5.03 -6.41 -0.35
CA MET A 34 5.13 -5.03 0.09
C MET A 34 3.84 -4.31 -0.25
N GLY A 35 3.64 -3.17 0.37
CA GLY A 35 2.35 -2.52 0.15
C GLY A 35 2.39 -1.08 0.61
N TRP A 36 1.25 -0.43 0.41
CA TRP A 36 1.10 0.96 0.77
C TRP A 36 -0.11 1.16 1.67
N PHE A 37 0.08 1.98 2.68
CA PHE A 37 -0.95 2.33 3.64
C PHE A 37 -1.06 3.84 3.68
N ARG A 38 -2.15 4.36 4.22
CA ARG A 38 -2.30 5.80 4.34
C ARG A 38 -2.87 6.20 5.70
N GLN A 39 -2.57 7.41 6.13
CA GLN A 39 -3.02 7.86 7.44
C GLN A 39 -3.36 9.33 7.50
N VAL A 40 -4.52 9.63 8.07
CA VAL A 40 -4.94 11.01 8.28
C VAL A 40 -4.79 11.28 9.78
N PRO A 41 -4.75 12.57 10.17
CA PRO A 41 -4.46 12.86 11.58
C PRO A 41 -5.54 12.29 12.50
N GLY A 42 -5.09 11.66 13.57
CA GLY A 42 -5.98 11.09 14.57
C GLY A 42 -6.59 9.74 14.25
N LYS A 43 -6.21 9.17 13.12
CA LYS A 43 -6.73 7.88 12.74
C LYS A 43 -5.59 6.89 12.52
N GLU A 44 -5.92 5.61 12.50
CA GLU A 44 -4.93 4.58 12.29
C GLU A 44 -4.61 4.46 10.82
N ARG A 45 -3.51 3.81 10.52
CA ARG A 45 -3.10 3.59 9.15
C ARG A 45 -4.05 2.61 8.51
N THR A 46 -4.47 2.90 7.29
CA THR A 46 -5.38 2.02 6.58
C THR A 46 -4.73 1.53 5.30
N PHE A 47 -5.00 0.28 4.95
CA PHE A 47 -4.47 -0.34 3.76
C PHE A 47 -4.93 0.37 2.51
N VAL A 48 -4.03 0.45 1.54
CA VAL A 48 -4.34 1.05 0.26
C VAL A 48 -4.14 0.05 -0.86
N SER A 49 -2.97 -0.59 -0.89
CA SER A 49 -2.67 -1.53 -1.97
C SER A 49 -1.50 -2.40 -1.54
N GLY A 50 -1.47 -3.63 -2.06
CA GLY A 50 -0.37 -4.53 -1.78
C GLY A 50 -0.05 -5.37 -2.99
N ILE A 51 1.19 -5.84 -3.03
CA ILE A 51 1.65 -6.75 -4.08
C ILE A 51 2.44 -7.89 -3.43
N THR A 52 2.18 -9.11 -3.88
CA THR A 52 2.94 -10.25 -3.37
C THR A 52 4.32 -10.26 -4.02
N TRP A 53 5.33 -10.68 -3.25
CA TRP A 53 6.70 -10.50 -3.72
C TRP A 53 7.05 -11.49 -4.81
N ILE A 54 6.67 -12.76 -4.64
CA ILE A 54 7.03 -13.78 -5.61
C ILE A 54 6.21 -13.61 -6.89
N GLY A 55 4.88 -13.61 -6.75
CA GLY A 55 3.99 -13.67 -7.89
C GLY A 55 3.67 -12.33 -8.53
N GLY A 56 3.81 -11.26 -7.76
CA GLY A 56 3.41 -9.94 -8.23
C GLY A 56 1.93 -9.74 -8.27
N THR A 57 1.17 -10.52 -7.50
CA THR A 57 -0.29 -10.40 -7.45
C THR A 57 -0.67 -9.14 -6.68
N THR A 58 -1.62 -8.37 -7.21
CA THR A 58 -1.97 -7.06 -6.67
C THR A 58 -3.33 -7.04 -5.99
N TYR A 59 -3.45 -6.15 -5.01
CA TYR A 59 -4.68 -5.96 -4.23
C TYR A 59 -4.88 -4.49 -4.03
N TYR A 60 -6.14 -4.04 -4.14
CA TYR A 60 -6.47 -2.63 -3.98
C TYR A 60 -7.72 -2.52 -3.15
N VAL A 61 -7.80 -1.47 -2.34
CA VAL A 61 -9.06 -1.18 -1.65
C VAL A 61 -10.02 -0.48 -2.61
N ASN A 62 -11.32 -0.61 -2.30
CA ASN A 62 -12.34 -0.21 -3.26
C ASN A 62 -12.24 1.26 -3.63
N SER A 63 -11.79 2.12 -2.71
CA SER A 63 -11.77 3.55 -2.98
C SER A 63 -10.68 3.98 -3.97
N VAL A 64 -9.74 3.11 -4.33
CA VAL A 64 -8.70 3.46 -5.28
C VAL A 64 -8.71 2.56 -6.51
N LYS A 65 -9.64 1.61 -6.61
CA LYS A 65 -9.70 0.72 -7.77
C LYS A 65 -9.87 1.51 -9.05
N GLY A 66 -9.10 1.15 -10.07
CA GLY A 66 -9.15 1.83 -11.34
C GLY A 66 -8.44 3.17 -11.38
N ARG A 67 -7.87 3.62 -10.27
CA ARG A 67 -7.10 4.86 -10.22
C ARG A 67 -5.64 4.67 -9.81
N PHE A 68 -5.35 3.67 -8.97
CA PHE A 68 -3.99 3.45 -8.46
C PHE A 68 -3.48 2.12 -9.01
N THR A 69 -2.17 2.05 -9.22
CA THR A 69 -1.54 0.81 -9.69
C THR A 69 -0.26 0.58 -8.92
N ILE A 70 -0.09 -0.64 -8.38
CA ILE A 70 1.10 -1.01 -7.62
C ILE A 70 1.96 -1.95 -8.45
N SER A 71 3.27 -1.85 -8.26
CA SER A 71 4.20 -2.72 -8.96
C SER A 71 5.46 -2.86 -8.11
N ARG A 72 6.26 -3.86 -8.44
CA ARG A 72 7.50 -4.06 -7.68
C ARG A 72 8.60 -4.60 -8.57
N ASP A 73 9.84 -4.33 -8.15
CA ASP A 73 11.04 -4.81 -8.82
C ASP A 73 11.93 -5.54 -7.80
N ARG A 74 12.00 -6.87 -7.91
CA ARG A 74 12.81 -7.66 -6.99
C ARG A 74 14.30 -7.33 -7.10
N ALA A 75 14.77 -6.95 -8.28
CA ALA A 75 16.21 -6.72 -8.44
C ALA A 75 16.67 -5.58 -7.54
N LYS A 76 15.83 -4.57 -7.34
CA LYS A 76 16.17 -3.40 -6.55
C LYS A 76 15.43 -3.33 -5.23
N ASN A 77 14.59 -4.33 -4.90
CA ASN A 77 13.83 -4.35 -3.66
C ASN A 77 13.04 -3.05 -3.52
N THR A 78 12.33 -2.72 -4.59
N THR A 78 12.32 -2.71 -4.58
CA THR A 78 11.52 -1.51 -4.65
CA THR A 78 11.58 -1.45 -4.64
C THR A 78 10.06 -1.88 -4.86
C THR A 78 10.12 -1.69 -5.05
N VAL A 79 9.19 -1.00 -4.37
CA VAL A 79 7.76 -1.06 -4.67
C VAL A 79 7.33 0.35 -5.07
N TYR A 80 6.34 0.43 -5.96
CA TYR A 80 5.90 1.69 -6.56
C TYR A 80 4.38 1.78 -6.46
N LEU A 81 3.87 3.00 -6.31
CA LEU A 81 2.43 3.26 -6.40
C LEU A 81 2.19 4.42 -7.34
N GLN A 82 1.56 4.13 -8.47
CA GLN A 82 1.17 5.14 -9.44
C GLN A 82 -0.24 5.59 -9.07
N MET A 83 -0.39 6.86 -8.71
CA MET A 83 -1.65 7.39 -8.20
C MET A 83 -2.23 8.38 -9.20
N ASN A 84 -3.28 7.96 -9.91
CA ASN A 84 -3.91 8.83 -10.91
C ASN A 84 -5.27 9.30 -10.40
N SER A 85 -5.81 10.29 -11.11
CA SER A 85 -7.17 10.78 -10.85
C SER A 85 -7.35 11.14 -9.38
N LEU A 86 -6.37 11.86 -8.83
CA LEU A 86 -6.35 12.10 -7.40
C LEU A 86 -7.49 13.02 -6.97
N LYS A 87 -8.04 12.74 -5.78
CA LYS A 87 -9.16 13.47 -5.20
C LYS A 87 -8.76 14.07 -3.87
N PRO A 88 -9.40 15.17 -3.44
CA PRO A 88 -9.08 15.74 -2.11
C PRO A 88 -9.11 14.70 -1.00
N GLU A 89 -10.03 13.74 -1.07
CA GLU A 89 -10.15 12.72 -0.02
C GLU A 89 -9.00 11.72 -0.01
N ASP A 90 -8.12 11.75 -1.01
CA ASP A 90 -6.89 10.97 -0.98
C ASP A 90 -5.79 11.62 -0.16
N THR A 91 -6.00 12.84 0.33
CA THR A 91 -4.98 13.53 1.12
C THR A 91 -4.66 12.74 2.39
N ALA A 92 -3.39 12.38 2.57
CA ALA A 92 -2.96 11.59 3.72
C ALA A 92 -1.45 11.48 3.67
N VAL A 93 -0.86 10.99 4.77
CA VAL A 93 0.50 10.50 4.74
C VAL A 93 0.49 9.05 4.26
N TYR A 94 1.24 8.79 3.21
CA TYR A 94 1.30 7.46 2.63
C TYR A 94 2.52 6.76 3.11
N TYR A 95 2.30 5.55 3.61
CA TYR A 95 3.37 4.80 4.15
C TYR A 95 3.56 3.56 3.40
N CYS A 96 4.83 3.20 3.20
N CYS A 96 4.85 3.21 3.24
CA CYS A 96 5.14 1.92 2.56
CA CYS A 96 5.33 1.97 2.57
C CYS A 96 5.39 0.86 3.64
C CYS A 96 5.43 0.87 3.64
N ALA A 97 5.20 -0.39 3.27
CA ALA A 97 5.20 -1.45 4.27
C ALA A 97 5.77 -2.73 3.66
N ALA A 98 6.40 -3.53 4.51
CA ALA A 98 6.92 -4.83 4.11
C ALA A 98 6.36 -5.92 5.02
N ASP A 99 5.77 -6.95 4.43
CA ASP A 99 5.21 -8.10 5.16
C ASP A 99 6.36 -9.09 5.16
N LYS A 100 7.05 -9.17 6.29
CA LYS A 100 8.27 -9.96 6.40
C LYS A 100 8.30 -11.23 7.23
N ASP A 101 7.33 -11.43 8.11
CA ASP A 101 7.34 -12.60 8.98
C ASP A 101 5.91 -12.85 9.43
N ASN A 102 5.74 -13.58 10.53
CA ASN A 102 4.41 -13.92 10.98
C ASN A 102 4.14 -13.39 12.38
N THR A 103 4.63 -12.19 12.65
CA THR A 103 4.41 -11.54 13.92
C THR A 103 3.11 -10.73 13.88
N GLY A 104 2.60 -10.49 12.68
CA GLY A 104 1.39 -9.69 12.51
C GLY A 104 1.68 -8.21 12.30
N TYR A 105 2.94 -7.83 12.41
CA TYR A 105 3.38 -6.46 12.23
C TYR A 105 4.22 -6.39 10.98
N ASN A 106 4.04 -5.35 10.18
CA ASN A 106 4.83 -5.19 8.97
C ASN A 106 6.03 -4.27 9.30
N TYR A 107 6.99 -4.15 8.40
CA TYR A 107 8.08 -3.21 8.62
C TYR A 107 7.64 -1.97 7.86
N TRP A 108 7.87 -0.78 8.40
CA TRP A 108 7.41 0.42 7.75
C TRP A 108 8.47 1.45 7.46
N GLY A 109 8.13 2.36 6.55
CA GLY A 109 9.01 3.47 6.26
C GLY A 109 8.57 4.65 7.05
N GLN A 110 8.99 5.81 6.60
CA GLN A 110 8.72 6.98 7.43
C GLN A 110 7.59 7.86 6.88
N GLY A 111 6.97 7.47 5.77
CA GLY A 111 5.81 8.18 5.25
C GLY A 111 6.18 9.33 4.32
N THR A 112 5.28 9.59 3.37
CA THR A 112 5.40 10.72 2.45
C THR A 112 4.04 11.41 2.35
N GLN A 113 4.04 12.73 2.49
CA GLN A 113 2.77 13.45 2.49
C GLN A 113 2.23 13.59 1.07
N VAL A 114 0.94 13.37 0.92
CA VAL A 114 0.23 13.54 -0.34
C VAL A 114 -0.93 14.49 -0.07
N THR A 115 -0.93 15.65 -0.72
CA THR A 115 -1.99 16.62 -0.54
C THR A 115 -2.65 16.87 -1.89
N VAL A 116 -3.97 16.75 -1.90
CA VAL A 116 -4.79 17.02 -3.07
C VAL A 116 -5.74 18.14 -2.68
N SER A 117 -5.50 19.34 -3.20
CA SER A 117 -6.23 20.52 -2.77
C SER A 117 -6.70 21.27 -4.00
N SER A 118 -7.99 21.60 -4.02
N SER A 118 -7.99 21.62 -4.01
CA SER A 118 -8.57 22.36 -5.12
CA SER A 118 -8.57 22.36 -5.11
C SER A 118 -8.29 23.84 -4.88
C SER A 118 -8.30 23.84 -4.89
N PHE A 119 -7.44 24.43 -5.73
CA PHE A 119 -7.10 25.84 -5.60
C PHE A 119 -7.94 26.76 -6.47
N GLY A 120 -8.47 26.25 -7.59
CA GLY A 120 -9.26 27.07 -8.48
C GLY A 120 -8.83 26.96 -9.93
N LEU B 2 -32.11 5.74 6.35
CA LEU B 2 -32.07 7.06 5.74
C LEU B 2 -30.71 7.35 5.14
N GLU B 3 -30.55 8.62 4.75
CA GLU B 3 -29.35 9.11 4.10
C GLU B 3 -28.13 8.90 4.99
N GLU B 4 -28.20 9.35 6.24
CA GLU B 4 -27.05 9.31 7.13
C GLU B 4 -26.74 7.90 7.59
N GLU B 5 -27.76 7.09 7.84
CA GLU B 5 -27.55 5.69 8.18
C GLU B 5 -26.83 4.98 7.04
N LEU B 6 -27.25 5.22 5.79
CA LEU B 6 -26.62 4.54 4.67
C LEU B 6 -25.19 5.01 4.47
N LYS B 7 -24.97 6.31 4.61
CA LYS B 7 -23.64 6.85 4.40
C LYS B 7 -22.64 6.37 5.45
N GLN B 8 -23.06 6.39 6.70
CA GLN B 8 -22.17 5.98 7.78
C GLN B 8 -21.88 4.49 7.75
N LEU B 9 -22.92 3.66 7.54
CA LEU B 9 -22.71 2.22 7.46
C LEU B 9 -21.83 1.86 6.27
N GLU B 10 -21.96 2.59 5.17
CA GLU B 10 -21.07 2.39 4.03
C GLU B 10 -19.62 2.64 4.42
N GLU B 11 -19.38 3.71 5.19
CA GLU B 11 -18.02 4.01 5.65
C GLU B 11 -17.47 2.88 6.52
N GLU B 12 -18.30 2.35 7.44
CA GLU B 12 -17.87 1.25 8.30
C GLU B 12 -17.63 -0.03 7.50
N LEU B 13 -18.49 -0.31 6.51
CA LEU B 13 -18.22 -1.43 5.60
C LEU B 13 -16.89 -1.24 4.89
N GLN B 14 -16.60 -0.03 4.40
CA GLN B 14 -15.37 0.15 3.65
C GLN B 14 -14.13 -0.04 4.52
N ALA B 15 -14.24 0.26 5.82
CA ALA B 15 -13.10 0.03 6.71
C ALA B 15 -12.83 -1.46 6.86
N ILE B 16 -13.89 -2.26 7.05
CA ILE B 16 -13.73 -3.71 7.11
C ILE B 16 -13.18 -4.24 5.80
N GLU B 17 -13.64 -3.68 4.67
CA GLU B 17 -13.18 -4.15 3.37
C GLU B 17 -11.69 -3.86 3.15
N GLU B 18 -11.20 -2.74 3.68
CA GLU B 18 -9.77 -2.43 3.63
C GLU B 18 -8.96 -3.48 4.39
N GLN B 19 -9.41 -3.86 5.59
CA GLN B 19 -8.73 -4.89 6.36
C GLN B 19 -8.80 -6.24 5.66
N LEU B 20 -9.95 -6.53 5.04
CA LEU B 20 -10.14 -7.76 4.28
C LEU B 20 -9.13 -7.86 3.14
N ALA B 21 -8.99 -6.79 2.38
CA ALA B 21 -8.03 -6.79 1.28
C ALA B 21 -6.60 -6.99 1.79
N GLN B 22 -6.31 -6.42 2.95
CA GLN B 22 -4.98 -6.57 3.52
C GLN B 22 -4.70 -8.03 3.83
N LEU B 23 -5.68 -8.73 4.38
CA LEU B 23 -5.51 -10.13 4.69
C LEU B 23 -5.44 -11.00 3.44
N GLN B 24 -6.13 -10.59 2.38
CA GLN B 24 -6.07 -11.35 1.12
C GLN B 24 -4.66 -11.28 0.57
N TRP B 25 -4.07 -10.10 0.64
CA TRP B 25 -2.71 -9.87 0.19
C TRP B 25 -1.75 -10.76 0.97
N LYS B 26 -1.86 -10.75 2.28
CA LYS B 26 -1.00 -11.57 3.13
C LYS B 26 -1.18 -13.07 2.92
N ALA B 27 -2.41 -13.49 2.70
CA ALA B 27 -2.68 -14.90 2.49
C ALA B 27 -2.12 -15.39 1.15
N GLN B 28 -2.35 -14.64 0.10
CA GLN B 28 -1.86 -15.02 -1.22
C GLN B 28 -0.34 -15.05 -1.28
N ALA B 29 0.30 -14.14 -0.57
CA ALA B 29 1.76 -14.10 -0.53
C ALA B 29 2.34 -15.37 0.07
N ARG B 30 1.69 -15.90 1.09
CA ARG B 30 2.14 -17.11 1.72
C ARG B 30 1.82 -18.33 0.87
N LYS B 31 0.70 -18.30 0.16
CA LYS B 31 0.37 -19.40 -0.71
C LYS B 31 1.44 -19.53 -1.78
N GLU B 32 1.89 -18.39 -2.30
CA GLU B 32 2.93 -18.39 -3.32
C GLU B 32 4.24 -18.91 -2.76
N LYS B 33 4.55 -18.59 -1.51
CA LYS B 33 5.77 -19.11 -0.91
C LYS B 33 5.68 -20.62 -0.75
N LEU B 34 4.53 -21.13 -0.33
CA LEU B 34 4.34 -22.57 -0.16
C LEU B 34 4.49 -23.29 -1.49
N ALA B 35 3.99 -22.70 -2.57
CA ALA B 35 4.17 -23.28 -3.90
C ALA B 35 5.64 -23.34 -4.28
N GLN B 36 6.38 -22.28 -3.99
CA GLN B 36 7.80 -22.24 -4.33
C GLN B 36 8.58 -23.29 -3.54
N LEU B 37 8.30 -23.42 -2.25
CA LEU B 37 8.96 -24.47 -1.45
C LEU B 37 8.61 -25.86 -1.97
N LYS B 38 7.36 -26.04 -2.42
CA LYS B 38 6.95 -27.31 -3.00
C LYS B 38 7.81 -27.69 -4.21
N GLU B 39 8.24 -26.68 -4.99
CA GLU B 39 9.03 -26.96 -6.18
C GLU B 39 10.46 -27.36 -5.83
N LYS B 40 10.95 -26.91 -4.68
CA LYS B 40 12.29 -27.28 -4.22
C LYS B 40 12.37 -28.75 -3.80
N LEU B 41 11.25 -29.35 -3.43
CA LEU B 41 11.22 -30.76 -3.06
C LEU B 41 11.22 -31.65 -4.30
#